data_9R5Z
#
_entry.id   9R5Z
#
_cell.length_a   41.850
_cell.length_b   62.540
_cell.length_c   101.197
_cell.angle_alpha   90.00
_cell.angle_beta   93.71
_cell.angle_gamma   90.00
#
_symmetry.space_group_name_H-M   'P 1 21 1'
#
loop_
_entity.id
_entity.type
_entity.pdbx_description
1 polymer 'Tyrosine-protein kinase JAK3'
2 non-polymer '3-(3-cyclohexyl-3,8,10-triazatricyclo[7.3.0.0^{2,6}]dodeca-1,4,6,8,11-pentaen-5-yl)benzenesulfonyl fluoride'
3 non-polymer 1-phenylurea
4 water water
#
_entity_poly.entity_id   1
_entity_poly.type   'polypeptide(L)'
_entity_poly.pdbx_seq_one_letter_code
;SMQDPTIFEERHLKYISQLGKGNFGSVELCRYDPLGDNTGALVAVKQLQHSGPDQQRDFQREIQILKALHSDFIVKYRGV
SYGPGRQSLRLVMEYLPSGCLRDFLQRHRARLDASRLLLYSSQICKGMEYLGSRRCVHRALAARNILVESEAHVKIADFG
LAKLLPLDKDYYVVREPGQSPIFWYAPESLSDNIFSRQSDVWSFGVVLYELFTYCDKSCSPSAEFLRMMGSERDVPALSR
LLELLEEGQRLPAPPACPAEVHELMKLCWAPSPQDRPSFSALGPQLDMLWSGSR
;
_entity_poly.pdbx_strand_id   A,B
#
# COMPACT_ATOMS: atom_id res chain seq x y z
N LEU A 13 -40.15 0.80 -30.91
CA LEU A 13 -38.74 1.21 -30.65
C LEU A 13 -38.68 2.74 -30.68
N LYS A 14 -39.01 3.35 -29.55
CA LYS A 14 -39.03 4.79 -29.38
C LYS A 14 -37.71 5.24 -28.76
N TYR A 15 -36.96 6.06 -29.50
CA TYR A 15 -35.64 6.52 -29.08
C TYR A 15 -35.78 7.43 -27.87
N ILE A 16 -34.84 7.27 -26.93
CA ILE A 16 -34.82 8.09 -25.74
C ILE A 16 -33.53 8.91 -25.71
N SER A 17 -32.37 8.23 -25.75
CA SER A 17 -31.12 8.95 -25.55
C SER A 17 -29.92 8.04 -25.86
N GLN A 18 -28.76 8.69 -25.89
CA GLN A 18 -27.49 8.09 -26.31
C GLN A 18 -26.79 7.50 -25.08
N LEU A 19 -26.44 6.21 -25.16
CA LEU A 19 -25.76 5.53 -24.06
C LEU A 19 -24.26 5.44 -24.34
N GLY A 20 -23.85 5.34 -25.62
CA GLY A 20 -22.44 5.20 -25.96
C GLY A 20 -22.08 5.84 -27.29
N GLY A 25 -19.83 3.46 -34.43
CA GLY A 25 -21.07 2.87 -33.89
C GLY A 25 -21.67 3.75 -32.80
N SER A 26 -22.86 3.36 -32.32
CA SER A 26 -23.56 4.13 -31.31
C SER A 26 -24.63 3.25 -30.68
N VAL A 27 -24.78 3.36 -29.35
CA VAL A 27 -25.78 2.60 -28.61
C VAL A 27 -26.78 3.62 -28.05
N GLU A 28 -28.07 3.29 -28.18
CA GLU A 28 -29.12 4.23 -27.81
C GLU A 28 -30.08 3.50 -26.89
N LEU A 29 -30.57 4.22 -25.88
CA LEU A 29 -31.65 3.77 -25.02
C LEU A 29 -32.95 3.93 -25.77
N CYS A 30 -33.76 2.89 -25.84
CA CYS A 30 -35.05 2.94 -26.50
C CYS A 30 -36.08 2.27 -25.62
N ARG A 31 -37.33 2.74 -25.72
CA ARG A 31 -38.47 2.01 -25.19
C ARG A 31 -39.07 1.21 -26.35
N TYR A 32 -39.21 -0.10 -26.15
CA TYR A 32 -39.83 -0.96 -27.14
C TYR A 32 -41.34 -0.83 -27.01
N LEU A 35 -47.73 -1.96 -28.16
CA LEU A 35 -49.06 -1.54 -27.61
C LEU A 35 -49.22 -0.03 -27.71
N GLY A 36 -48.11 0.70 -27.89
CA GLY A 36 -48.15 2.12 -28.20
C GLY A 36 -48.28 3.00 -26.96
N ASP A 37 -48.52 2.41 -25.78
CA ASP A 37 -49.05 3.13 -24.62
C ASP A 37 -47.91 3.62 -23.72
N ASN A 38 -46.71 3.74 -24.28
CA ASN A 38 -45.50 4.08 -23.54
C ASN A 38 -45.33 3.19 -22.31
N THR A 39 -45.88 1.97 -22.34
CA THR A 39 -45.80 1.02 -21.23
C THR A 39 -44.70 -0.03 -21.47
N GLY A 40 -44.03 0.02 -22.63
CA GLY A 40 -43.09 -1.02 -23.01
C GLY A 40 -41.78 -0.90 -22.24
N ALA A 41 -41.05 -2.03 -22.16
CA ALA A 41 -39.77 -2.11 -21.46
C ALA A 41 -38.68 -1.35 -22.23
N LEU A 42 -37.65 -0.90 -21.49
CA LEU A 42 -36.52 -0.22 -22.09
C LEU A 42 -35.54 -1.27 -22.60
N VAL A 43 -34.83 -0.92 -23.68
CA VAL A 43 -33.82 -1.78 -24.28
C VAL A 43 -32.65 -0.91 -24.74
N ALA A 44 -31.46 -1.53 -24.89
CA ALA A 44 -30.35 -0.81 -25.50
C ALA A 44 -30.26 -1.24 -26.95
N VAL A 45 -30.01 -0.27 -27.87
CA VAL A 45 -30.04 -0.60 -29.28
C VAL A 45 -28.79 -0.03 -29.95
N LYS A 46 -28.06 -0.92 -30.61
CA LYS A 46 -26.89 -0.50 -31.35
C LYS A 46 -27.22 -0.35 -32.83
N GLN A 47 -26.69 0.73 -33.42
CA GLN A 47 -26.77 1.05 -34.84
C GLN A 47 -25.45 1.70 -35.29
N LEU A 48 -25.20 1.68 -36.60
CA LEU A 48 -24.03 2.34 -37.18
C LEU A 48 -24.47 3.64 -37.83
N GLN A 49 -23.50 4.51 -38.15
CA GLN A 49 -23.78 5.73 -38.89
C GLN A 49 -22.46 6.39 -39.31
N ARG A 57 -16.34 -3.94 -41.71
CA ARG A 57 -17.54 -3.11 -41.45
C ARG A 57 -18.74 -4.04 -41.30
N ASP A 58 -19.83 -3.49 -40.74
CA ASP A 58 -21.06 -4.22 -40.45
C ASP A 58 -20.92 -5.05 -39.18
N PHE A 59 -21.96 -4.97 -38.34
CA PHE A 59 -22.01 -5.66 -37.07
C PHE A 59 -22.86 -6.91 -37.24
N GLN A 60 -22.92 -7.45 -38.46
CA GLN A 60 -23.55 -8.75 -38.68
C GLN A 60 -22.83 -9.77 -37.80
N ARG A 61 -21.51 -9.58 -37.70
CA ARG A 61 -20.63 -10.44 -36.94
C ARG A 61 -20.95 -10.33 -35.44
N GLU A 62 -21.01 -9.09 -34.96
CA GLU A 62 -21.36 -8.82 -33.58
C GLU A 62 -22.68 -9.48 -33.16
N ILE A 63 -23.69 -9.42 -34.05
CA ILE A 63 -25.02 -9.92 -33.72
C ILE A 63 -24.95 -11.44 -33.58
N GLN A 64 -24.25 -12.08 -34.54
CA GLN A 64 -24.09 -13.53 -34.57
C GLN A 64 -23.35 -14.01 -33.32
N ILE A 65 -22.30 -13.27 -32.93
CA ILE A 65 -21.50 -13.66 -31.77
C ILE A 65 -22.35 -13.57 -30.50
N LEU A 66 -22.96 -12.40 -30.26
CA LEU A 66 -23.70 -12.20 -29.03
C LEU A 66 -24.90 -13.13 -28.91
N LYS A 67 -25.56 -13.41 -30.04
CA LYS A 67 -26.71 -14.29 -30.06
C LYS A 67 -26.31 -15.68 -29.59
N ALA A 68 -25.09 -16.13 -29.88
CA ALA A 68 -24.71 -17.49 -29.54
C ALA A 68 -24.36 -17.60 -28.05
N LEU A 69 -23.91 -16.49 -27.49
CA LEU A 69 -23.33 -16.47 -26.15
C LEU A 69 -24.42 -16.46 -25.08
N HIS A 70 -24.39 -17.46 -24.19
CA HIS A 70 -25.30 -17.57 -23.06
C HIS A 70 -24.49 -17.74 -21.77
N SER A 71 -24.33 -16.64 -21.04
CA SER A 71 -23.54 -16.58 -19.81
C SER A 71 -24.14 -15.50 -18.91
N ASP A 72 -24.21 -15.80 -17.61
CA ASP A 72 -24.73 -14.85 -16.64
C ASP A 72 -23.83 -13.62 -16.59
N PHE A 73 -22.63 -13.68 -17.18
CA PHE A 73 -21.66 -12.59 -17.08
C PHE A 73 -21.43 -11.91 -18.43
N ILE A 74 -22.30 -12.18 -19.40
CA ILE A 74 -22.26 -11.51 -20.69
C ILE A 74 -23.64 -10.93 -20.97
N VAL A 75 -23.67 -9.70 -21.45
CA VAL A 75 -24.94 -9.03 -21.69
C VAL A 75 -25.78 -9.88 -22.64
N LYS A 76 -27.08 -9.87 -22.37
CA LYS A 76 -28.08 -10.74 -22.99
C LYS A 76 -28.58 -10.16 -24.31
N TYR A 77 -28.36 -10.90 -25.40
CA TYR A 77 -29.03 -10.65 -26.67
C TYR A 77 -30.55 -10.78 -26.51
N ARG A 78 -31.35 -9.91 -27.15
CA ARG A 78 -32.80 -10.08 -27.09
C ARG A 78 -33.40 -10.30 -28.48
N GLY A 79 -32.82 -9.67 -29.51
CA GLY A 79 -33.19 -10.03 -30.87
C GLY A 79 -32.65 -8.99 -31.86
N VAL A 80 -33.29 -8.90 -33.03
CA VAL A 80 -32.94 -7.85 -33.97
C VAL A 80 -34.21 -7.09 -34.32
N SER A 81 -34.00 -5.86 -34.74
CA SER A 81 -35.06 -5.09 -35.37
C SER A 81 -34.42 -4.40 -36.57
N TYR A 82 -35.19 -3.59 -37.27
CA TYR A 82 -34.73 -3.00 -38.52
C TYR A 82 -34.70 -1.48 -38.36
N GLY A 83 -33.81 -0.87 -39.11
CA GLY A 83 -33.68 0.58 -39.12
C GLY A 83 -34.55 1.17 -40.23
N PRO A 84 -34.36 2.48 -40.57
CA PRO A 84 -35.23 3.15 -41.51
C PRO A 84 -35.20 2.44 -42.86
N GLY A 85 -36.39 2.21 -43.40
CA GLY A 85 -36.57 1.60 -44.70
C GLY A 85 -36.35 0.09 -44.69
N ARG A 86 -36.05 -0.48 -43.51
CA ARG A 86 -35.65 -1.87 -43.35
C ARG A 86 -34.37 -2.14 -44.17
N GLN A 87 -33.47 -1.14 -44.23
CA GLN A 87 -32.21 -1.24 -44.96
C GLN A 87 -31.06 -1.52 -43.98
N SER A 88 -31.39 -1.52 -42.69
CA SER A 88 -30.45 -1.51 -41.60
C SER A 88 -30.90 -2.50 -40.53
N LEU A 89 -29.95 -3.13 -39.83
CA LEU A 89 -30.28 -3.97 -38.68
C LEU A 89 -29.99 -3.18 -37.42
N ARG A 90 -30.78 -3.44 -36.38
CA ARG A 90 -30.44 -2.95 -35.06
C ARG A 90 -30.31 -4.19 -34.18
N LEU A 91 -29.41 -4.11 -33.19
CA LEU A 91 -29.22 -5.18 -32.22
C LEU A 91 -29.95 -4.81 -30.93
N VAL A 92 -30.86 -5.69 -30.49
CA VAL A 92 -31.70 -5.45 -29.34
C VAL A 92 -31.17 -6.28 -28.18
N MET A 93 -30.84 -5.56 -27.09
CA MET A 93 -30.23 -6.15 -25.92
C MET A 93 -30.89 -5.59 -24.65
N GLU A 94 -30.63 -6.28 -23.53
CA GLU A 94 -31.03 -5.81 -22.22
C GLU A 94 -30.37 -4.47 -21.92
N TYR A 95 -31.09 -3.57 -21.22
CA TYR A 95 -30.54 -2.29 -20.78
C TYR A 95 -30.30 -2.41 -19.28
N LEU A 96 -29.13 -1.97 -18.84
CA LEU A 96 -28.73 -1.98 -17.44
C LEU A 96 -28.57 -0.52 -17.01
N PRO A 97 -29.58 0.05 -16.31
CA PRO A 97 -29.59 1.49 -15.98
C PRO A 97 -28.52 1.90 -14.98
N SER A 98 -28.08 0.94 -14.14
CA SER A 98 -26.97 1.15 -13.23
C SER A 98 -25.69 1.50 -13.98
N GLY A 99 -25.61 1.19 -15.29
CA GLY A 99 -24.60 1.78 -16.13
C GLY A 99 -23.26 1.04 -16.01
N CYS A 100 -22.19 1.69 -16.45
CA CYS A 100 -20.94 0.95 -16.60
C CYS A 100 -20.21 0.91 -15.27
N LEU A 101 -19.42 -0.15 -15.12
CA LEU A 101 -18.67 -0.40 -13.89
C LEU A 101 -17.74 0.76 -13.57
N ARG A 102 -17.21 1.43 -14.60
CA ARG A 102 -16.28 2.50 -14.33
C ARG A 102 -16.93 3.62 -13.52
N ASP A 103 -18.13 4.02 -13.94
CA ASP A 103 -18.84 5.12 -13.30
C ASP A 103 -19.35 4.70 -11.93
N PHE A 104 -19.76 3.43 -11.81
CA PHE A 104 -20.28 2.90 -10.58
C PHE A 104 -19.19 2.94 -9.51
N LEU A 105 -17.98 2.48 -9.87
CA LEU A 105 -16.83 2.45 -8.98
C LEU A 105 -16.47 3.86 -8.50
N GLN A 106 -16.50 4.83 -9.41
CA GLN A 106 -16.00 6.17 -9.10
C GLN A 106 -16.92 6.93 -8.16
N ARG A 107 -18.23 6.65 -8.30
CA ARG A 107 -19.25 7.33 -7.52
C ARG A 107 -19.28 6.74 -6.12
N HIS A 108 -19.19 5.41 -6.04
CA HIS A 108 -19.46 4.72 -4.80
C HIS A 108 -18.20 4.16 -4.16
N ARG A 109 -17.03 4.75 -4.46
CA ARG A 109 -15.78 4.14 -4.00
C ARG A 109 -15.84 4.03 -2.48
N ALA A 110 -16.31 5.11 -1.84
CA ALA A 110 -16.40 5.21 -0.40
C ALA A 110 -16.99 3.95 0.23
N ARG A 111 -17.88 3.23 -0.47
CA ARG A 111 -18.62 2.14 0.16
C ARG A 111 -18.53 0.79 -0.57
N LEU A 112 -17.51 0.59 -1.42
CA LEU A 112 -17.29 -0.72 -2.02
C LEU A 112 -16.00 -1.35 -1.47
N ASP A 113 -16.08 -2.57 -0.93
CA ASP A 113 -14.92 -3.12 -0.25
C ASP A 113 -14.12 -3.96 -1.22
N ALA A 114 -12.97 -4.44 -0.74
CA ALA A 114 -12.08 -5.28 -1.51
C ALA A 114 -12.76 -6.60 -1.89
N SER A 115 -13.66 -7.09 -1.03
CA SER A 115 -14.31 -8.36 -1.31
C SER A 115 -15.22 -8.25 -2.54
N ARG A 116 -15.97 -7.15 -2.59
CA ARG A 116 -16.86 -6.84 -3.70
C ARG A 116 -16.10 -6.66 -5.01
N LEU A 117 -14.93 -5.99 -4.98
CA LEU A 117 -14.07 -5.90 -6.16
C LEU A 117 -13.61 -7.29 -6.62
N LEU A 118 -13.25 -8.19 -5.69
CA LEU A 118 -12.83 -9.54 -6.04
C LEU A 118 -13.99 -10.32 -6.68
N LEU A 119 -15.21 -10.11 -6.16
CA LEU A 119 -16.42 -10.68 -6.73
C LEU A 119 -16.57 -10.24 -8.20
N TYR A 120 -16.41 -8.93 -8.45
CA TYR A 120 -16.52 -8.42 -9.80
C TYR A 120 -15.46 -9.07 -10.67
N SER A 121 -14.22 -9.19 -10.16
CA SER A 121 -13.08 -9.70 -10.90
C SER A 121 -13.32 -11.14 -11.33
N SER A 122 -13.87 -11.92 -10.40
CA SER A 122 -14.14 -13.32 -10.68
C SER A 122 -15.19 -13.45 -11.79
N GLN A 123 -16.21 -12.58 -11.77
CA GLN A 123 -17.34 -12.63 -12.70
C GLN A 123 -16.85 -12.33 -14.12
N ILE A 124 -16.09 -11.24 -14.21
CA ILE A 124 -15.49 -10.87 -15.47
C ILE A 124 -14.57 -11.98 -16.00
N CYS A 125 -13.73 -12.56 -15.12
CA CYS A 125 -12.80 -13.62 -15.54
C CYS A 125 -13.59 -14.76 -16.20
N LYS A 126 -14.68 -15.14 -15.56
CA LYS A 126 -15.46 -16.28 -15.99
C LYS A 126 -16.17 -16.00 -17.32
N GLY A 127 -16.58 -14.75 -17.55
CA GLY A 127 -17.11 -14.44 -18.87
C GLY A 127 -16.01 -14.52 -19.92
N MET A 128 -14.76 -14.21 -19.54
CA MET A 128 -13.67 -14.19 -20.50
C MET A 128 -13.28 -15.62 -20.86
N GLU A 129 -13.42 -16.51 -19.89
CA GLU A 129 -13.17 -17.93 -20.13
C GLU A 129 -14.14 -18.41 -21.20
N TYR A 130 -15.45 -18.14 -20.98
CA TYR A 130 -16.50 -18.49 -21.94
C TYR A 130 -16.13 -17.96 -23.34
N LEU A 131 -15.79 -16.69 -23.47
CA LEU A 131 -15.33 -16.14 -24.73
C LEU A 131 -14.17 -16.92 -25.35
N GLY A 132 -13.13 -17.18 -24.54
CA GLY A 132 -11.95 -17.89 -25.00
C GLY A 132 -12.29 -19.27 -25.57
N SER A 133 -13.23 -19.99 -24.94
CA SER A 133 -13.61 -21.31 -25.42
C SER A 133 -14.33 -21.25 -26.78
N ARG A 134 -14.78 -20.05 -27.20
CA ARG A 134 -15.48 -19.87 -28.46
C ARG A 134 -14.56 -19.15 -29.44
N ARG A 135 -13.28 -19.05 -29.06
CA ARG A 135 -12.23 -18.53 -29.93
C ARG A 135 -12.56 -17.09 -30.21
N CYS A 136 -13.07 -16.41 -29.19
CA CYS A 136 -13.53 -15.05 -29.38
C CYS A 136 -12.53 -14.11 -28.72
N VAL A 137 -11.96 -13.19 -29.50
CA VAL A 137 -11.14 -12.13 -28.93
C VAL A 137 -12.03 -10.90 -28.71
N HIS A 138 -12.15 -10.46 -27.45
CA HIS A 138 -13.05 -9.35 -27.12
C HIS A 138 -12.41 -8.03 -27.50
N ARG A 139 -11.13 -7.85 -27.10
CA ARG A 139 -10.26 -6.77 -27.57
C ARG A 139 -10.55 -5.45 -26.83
N ALA A 140 -11.82 -5.17 -26.48
CA ALA A 140 -12.19 -3.85 -25.99
C ALA A 140 -12.27 -3.83 -24.46
N LEU A 141 -12.09 -4.99 -23.83
CA LEU A 141 -12.34 -5.18 -22.41
C LEU A 141 -11.73 -4.07 -21.55
N ALA A 142 -12.61 -3.42 -20.80
CA ALA A 142 -12.28 -2.29 -19.92
C ALA A 142 -13.50 -2.01 -19.03
N ALA A 143 -13.25 -1.39 -17.87
CA ALA A 143 -14.32 -1.08 -16.93
C ALA A 143 -15.46 -0.28 -17.57
N ARG A 144 -15.18 0.52 -18.62
CA ARG A 144 -16.24 1.28 -19.28
C ARG A 144 -17.20 0.42 -20.10
N ASN A 145 -16.88 -0.86 -20.39
CA ASN A 145 -17.80 -1.66 -21.16
C ASN A 145 -18.16 -2.94 -20.40
N ILE A 146 -18.00 -2.86 -19.08
CA ILE A 146 -18.54 -3.84 -18.18
C ILE A 146 -19.75 -3.16 -17.56
N LEU A 147 -20.89 -3.84 -17.49
CA LEU A 147 -22.11 -3.21 -16.99
C LEU A 147 -22.50 -3.79 -15.63
N VAL A 148 -23.11 -2.92 -14.80
CA VAL A 148 -23.65 -3.32 -13.51
C VAL A 148 -25.12 -3.66 -13.69
N GLU A 149 -25.45 -4.95 -13.57
CA GLU A 149 -26.84 -5.39 -13.53
C GLU A 149 -27.40 -5.00 -12.18
N SER A 150 -26.60 -5.23 -11.12
CA SER A 150 -26.95 -4.83 -9.76
C SER A 150 -25.65 -4.56 -8.98
N GLU A 151 -25.77 -4.18 -7.69
CA GLU A 151 -24.61 -4.05 -6.81
C GLU A 151 -23.67 -5.27 -6.84
N ALA A 152 -24.15 -6.51 -6.98
CA ALA A 152 -23.29 -7.69 -6.81
C ALA A 152 -23.19 -8.56 -8.07
N HIS A 153 -23.30 -7.95 -9.24
CA HIS A 153 -23.41 -8.73 -10.48
C HIS A 153 -23.08 -7.83 -11.66
N VAL A 154 -22.03 -8.21 -12.40
CA VAL A 154 -21.61 -7.44 -13.56
C VAL A 154 -21.56 -8.36 -14.78
N LYS A 155 -21.66 -7.74 -15.95
CA LYS A 155 -21.72 -8.44 -17.22
C LYS A 155 -20.83 -7.70 -18.22
N ILE A 156 -20.16 -8.45 -19.09
CA ILE A 156 -19.29 -7.92 -20.12
C ILE A 156 -20.18 -7.47 -21.28
N ALA A 157 -19.95 -6.26 -21.79
CA ALA A 157 -20.64 -5.78 -22.95
C ALA A 157 -19.61 -5.28 -24.00
N ASP A 158 -20.13 -4.48 -24.94
CA ASP A 158 -19.43 -3.93 -26.09
C ASP A 158 -18.63 -4.98 -26.86
N PHE A 159 -19.34 -5.72 -27.71
CA PHE A 159 -18.74 -6.70 -28.60
C PHE A 159 -18.38 -6.12 -29.97
N GLY A 160 -18.15 -4.80 -30.06
CA GLY A 160 -18.02 -4.14 -31.35
C GLY A 160 -16.69 -4.43 -32.06
N LEU A 161 -15.65 -4.80 -31.30
CA LEU A 161 -14.35 -5.08 -31.89
C LEU A 161 -14.06 -6.55 -31.75
N ALA A 162 -15.01 -7.28 -31.17
CA ALA A 162 -14.83 -8.71 -31.01
C ALA A 162 -14.76 -9.39 -32.37
N LYS A 163 -13.87 -10.39 -32.43
CA LYS A 163 -13.53 -11.09 -33.67
C LYS A 163 -13.26 -12.54 -33.31
N LEU A 164 -13.74 -13.46 -34.12
CA LEU A 164 -13.51 -14.87 -33.89
C LEU A 164 -12.19 -15.29 -34.55
N LEU A 165 -11.40 -16.09 -33.82
CA LEU A 165 -10.15 -16.62 -34.36
C LEU A 165 -10.48 -17.71 -35.38
N PRO A 166 -9.75 -17.75 -36.52
CA PRO A 166 -9.75 -18.94 -37.39
C PRO A 166 -9.56 -20.21 -36.57
N LEU A 167 -10.11 -21.34 -37.03
CA LEU A 167 -9.98 -22.61 -36.32
C LEU A 167 -8.52 -23.02 -36.17
N ASP A 168 -7.62 -22.50 -37.02
CA ASP A 168 -6.28 -23.03 -37.17
C ASP A 168 -5.21 -22.01 -36.71
N LYS A 169 -5.59 -20.98 -35.94
CA LYS A 169 -4.71 -19.86 -35.69
C LYS A 169 -5.21 -19.04 -34.50
N ASP A 170 -4.30 -18.64 -33.58
CA ASP A 170 -4.71 -18.13 -32.28
C ASP A 170 -4.59 -16.61 -32.18
N TYR A 171 -4.54 -15.94 -33.31
CA TYR A 171 -4.38 -14.49 -33.31
C TYR A 171 -4.89 -13.99 -34.64
N TYR A 172 -5.00 -12.66 -34.74
CA TYR A 172 -5.26 -12.04 -36.03
C TYR A 172 -4.48 -10.76 -36.06
N VAL A 173 -4.47 -10.12 -37.24
CA VAL A 173 -3.79 -8.86 -37.43
C VAL A 173 -4.73 -7.90 -38.14
N VAL A 174 -4.69 -6.61 -37.76
CA VAL A 174 -5.51 -5.60 -38.41
C VAL A 174 -4.62 -4.66 -39.20
N ARG A 175 -5.25 -3.77 -39.97
CA ARG A 175 -4.52 -2.73 -40.68
C ARG A 175 -3.97 -1.73 -39.66
N PRO A 181 -7.12 2.70 -27.66
CA PRO A 181 -7.00 3.19 -26.29
C PRO A 181 -5.71 2.57 -25.76
N ILE A 182 -4.59 3.31 -25.91
CA ILE A 182 -3.28 2.69 -25.92
C ILE A 182 -2.93 2.00 -24.60
N PHE A 183 -3.39 2.54 -23.47
CA PHE A 183 -3.01 2.06 -22.15
C PHE A 183 -3.74 0.77 -21.78
N TRP A 184 -4.66 0.27 -22.62
CA TRP A 184 -5.24 -1.05 -22.35
C TRP A 184 -4.63 -2.15 -23.22
N TYR A 185 -3.90 -1.77 -24.27
CA TYR A 185 -3.46 -2.70 -25.29
C TYR A 185 -2.09 -3.27 -24.92
N ALA A 186 -1.99 -4.60 -25.11
CA ALA A 186 -0.71 -5.30 -25.10
C ALA A 186 0.27 -4.63 -26.07
N PRO A 187 1.59 -4.75 -25.78
CA PRO A 187 2.62 -4.11 -26.58
C PRO A 187 2.65 -4.62 -28.03
N GLU A 188 2.38 -5.91 -28.23
CA GLU A 188 2.38 -6.46 -29.58
C GLU A 188 1.18 -5.97 -30.41
N SER A 189 0.12 -5.48 -29.73
CA SER A 189 -1.02 -4.92 -30.42
C SER A 189 -0.62 -3.52 -30.89
N LEU A 190 0.08 -2.79 -30.02
CA LEU A 190 0.48 -1.42 -30.27
C LEU A 190 1.52 -1.41 -31.38
N SER A 191 2.37 -2.43 -31.38
CA SER A 191 3.59 -2.41 -32.18
C SER A 191 3.34 -3.01 -33.56
N ASP A 192 2.76 -4.22 -33.57
CA ASP A 192 2.63 -5.06 -34.75
C ASP A 192 1.16 -5.33 -35.12
N ASN A 193 0.20 -4.71 -34.40
CA ASN A 193 -1.21 -4.82 -34.72
C ASN A 193 -1.74 -6.24 -34.55
N ILE A 194 -1.11 -7.02 -33.66
CA ILE A 194 -1.54 -8.38 -33.33
C ILE A 194 -2.52 -8.34 -32.16
N PHE A 195 -3.64 -9.07 -32.29
CA PHE A 195 -4.57 -9.32 -31.21
C PHE A 195 -4.78 -10.82 -31.04
N SER A 196 -4.99 -11.26 -29.81
CA SER A 196 -5.21 -12.65 -29.48
C SER A 196 -5.96 -12.76 -28.16
N ARG A 197 -6.22 -13.99 -27.71
CA ARG A 197 -6.79 -14.13 -26.38
C ARG A 197 -5.82 -13.65 -25.30
N GLN A 198 -4.51 -13.65 -25.62
CA GLN A 198 -3.50 -13.21 -24.66
C GLN A 198 -3.34 -11.70 -24.67
N SER A 199 -3.69 -11.02 -25.77
CA SER A 199 -3.78 -9.57 -25.71
C SER A 199 -4.99 -9.20 -24.82
N ASP A 200 -6.06 -10.02 -24.84
CA ASP A 200 -7.17 -9.83 -23.91
C ASP A 200 -6.71 -9.96 -22.45
N VAL A 201 -5.75 -10.87 -22.18
CA VAL A 201 -5.30 -11.14 -20.81
C VAL A 201 -4.56 -9.91 -20.29
N TRP A 202 -3.67 -9.30 -21.08
CA TRP A 202 -3.06 -8.02 -20.77
C TRP A 202 -4.14 -6.99 -20.41
N SER A 203 -5.22 -6.97 -21.19
CA SER A 203 -6.31 -6.04 -20.92
C SER A 203 -6.98 -6.33 -19.59
N PHE A 204 -7.23 -7.59 -19.26
CA PHE A 204 -7.92 -7.97 -18.03
C PHE A 204 -7.09 -7.54 -16.82
N GLY A 205 -5.77 -7.61 -16.96
CA GLY A 205 -4.87 -7.06 -15.97
C GLY A 205 -5.15 -5.58 -15.75
N VAL A 206 -5.30 -4.84 -16.86
CA VAL A 206 -5.60 -3.42 -16.74
C VAL A 206 -6.99 -3.22 -16.10
N VAL A 207 -7.96 -4.11 -16.38
CA VAL A 207 -9.25 -4.09 -15.71
C VAL A 207 -9.09 -4.28 -14.19
N LEU A 208 -8.25 -5.22 -13.77
CA LEU A 208 -8.05 -5.41 -12.33
C LEU A 208 -7.52 -4.13 -11.69
N TYR A 209 -6.63 -3.48 -12.41
CA TYR A 209 -6.09 -2.23 -11.97
C TYR A 209 -7.19 -1.18 -11.84
N GLU A 210 -8.11 -1.11 -12.80
CA GLU A 210 -9.21 -0.17 -12.72
C GLU A 210 -10.06 -0.46 -11.51
N LEU A 211 -10.37 -1.74 -11.26
CA LEU A 211 -11.20 -2.10 -10.14
C LEU A 211 -10.57 -1.63 -8.82
N PHE A 212 -9.29 -1.96 -8.62
CA PHE A 212 -8.63 -1.71 -7.35
C PHE A 212 -8.15 -0.28 -7.19
N THR A 213 -8.26 0.55 -8.22
CA THR A 213 -8.10 1.99 -8.05
C THR A 213 -9.46 2.69 -8.06
N TYR A 214 -10.58 1.94 -8.08
CA TYR A 214 -11.91 2.50 -8.20
C TYR A 214 -11.99 3.50 -9.37
N CYS A 215 -11.24 3.25 -10.44
CA CYS A 215 -11.15 4.10 -11.60
C CYS A 215 -10.88 5.56 -11.26
N ASP A 216 -10.05 5.80 -10.26
CA ASP A 216 -9.70 7.15 -9.84
C ASP A 216 -8.88 7.82 -10.93
N LYS A 217 -9.26 9.07 -11.22
CA LYS A 217 -8.61 9.82 -12.28
C LYS A 217 -7.16 10.10 -11.92
N SER A 218 -6.88 10.26 -10.62
CA SER A 218 -5.54 10.64 -10.19
C SER A 218 -4.52 9.53 -10.46
N CYS A 219 -4.94 8.26 -10.51
CA CYS A 219 -3.99 7.20 -10.80
C CYS A 219 -4.44 6.32 -11.97
N SER A 220 -5.15 6.94 -12.92
CA SER A 220 -5.58 6.25 -14.13
C SER A 220 -4.35 5.81 -14.90
N PRO A 221 -4.48 4.79 -15.77
CA PRO A 221 -3.39 4.37 -16.65
C PRO A 221 -2.73 5.56 -17.34
N SER A 222 -3.54 6.48 -17.85
CA SER A 222 -3.07 7.67 -18.55
C SER A 222 -2.38 8.65 -17.62
N ALA A 223 -2.90 8.83 -16.41
CA ALA A 223 -2.27 9.74 -15.45
C ALA A 223 -0.93 9.16 -15.02
N GLU A 224 -0.89 7.86 -14.73
CA GLU A 224 0.34 7.20 -14.32
C GLU A 224 1.38 7.34 -15.43
N PHE A 225 0.89 7.33 -16.67
CA PHE A 225 1.79 7.42 -17.80
C PHE A 225 2.48 8.77 -17.79
N LEU A 226 1.70 9.83 -17.55
CA LEU A 226 2.20 11.19 -17.64
C LEU A 226 3.20 11.49 -16.51
N ARG A 227 3.07 10.81 -15.38
CA ARG A 227 4.05 10.95 -14.31
C ARG A 227 5.30 10.12 -14.60
N MET A 228 5.16 9.03 -15.37
CA MET A 228 6.27 8.15 -15.65
C MET A 228 7.19 8.73 -16.73
N MET A 229 7.04 10.02 -17.05
CA MET A 229 8.02 10.71 -17.87
C MET A 229 8.14 12.18 -17.46
N GLY A 230 7.70 12.51 -16.24
CA GLY A 230 7.72 13.87 -15.73
C GLY A 230 6.73 14.75 -16.48
N VAL A 235 7.32 14.41 -26.69
CA VAL A 235 7.56 13.02 -27.17
C VAL A 235 6.20 12.33 -27.33
N PRO A 236 5.92 11.73 -28.52
CA PRO A 236 4.61 11.11 -28.74
C PRO A 236 4.38 10.05 -27.66
N ALA A 237 3.14 10.00 -27.19
CA ALA A 237 2.74 9.05 -26.17
C ALA A 237 3.06 7.62 -26.57
N LEU A 238 2.62 7.19 -27.75
CA LEU A 238 2.69 5.77 -28.07
C LEU A 238 4.14 5.29 -28.13
N SER A 239 5.01 6.19 -28.63
CA SER A 239 6.44 5.92 -28.70
C SER A 239 6.98 5.70 -27.30
N ARG A 240 6.73 6.68 -26.42
CA ARG A 240 7.28 6.67 -25.07
C ARG A 240 6.71 5.49 -24.30
N LEU A 241 5.42 5.19 -24.53
CA LEU A 241 4.76 4.10 -23.80
C LEU A 241 5.45 2.79 -24.16
N LEU A 242 5.78 2.62 -25.44
CA LEU A 242 6.35 1.34 -25.87
C LEU A 242 7.77 1.22 -25.30
N GLU A 243 8.50 2.33 -25.17
CA GLU A 243 9.80 2.30 -24.52
C GLU A 243 9.63 1.90 -23.05
N LEU A 244 8.68 2.51 -22.32
CA LEU A 244 8.51 2.22 -20.91
C LEU A 244 8.16 0.74 -20.73
N LEU A 245 7.23 0.24 -21.54
CA LEU A 245 6.83 -1.15 -21.43
C LEU A 245 7.99 -2.10 -21.69
N GLU A 246 8.81 -1.76 -22.69
CA GLU A 246 9.94 -2.61 -23.07
C GLU A 246 10.92 -2.72 -21.91
N GLU A 247 11.18 -1.62 -21.20
CA GLU A 247 12.10 -1.61 -20.06
C GLU A 247 11.54 -2.32 -18.84
N GLY A 248 10.25 -2.68 -18.87
CA GLY A 248 9.63 -3.50 -17.84
C GLY A 248 8.80 -2.69 -16.85
N GLN A 249 8.78 -1.36 -17.02
CA GLN A 249 7.89 -0.48 -16.26
C GLN A 249 6.43 -0.88 -16.49
N ARG A 250 5.74 -1.00 -15.36
CA ARG A 250 4.30 -1.37 -15.36
C ARG A 250 3.60 -0.44 -14.38
N LEU A 251 2.27 -0.49 -14.38
CA LEU A 251 1.47 0.32 -13.47
C LEU A 251 1.77 -0.13 -12.04
N PRO A 252 1.88 0.82 -11.08
CA PRO A 252 2.16 0.47 -9.69
C PRO A 252 0.94 -0.14 -9.01
N ALA A 253 1.17 -0.98 -7.99
CA ALA A 253 0.12 -1.47 -7.13
C ALA A 253 -0.72 -0.30 -6.65
N PRO A 254 -2.07 -0.35 -6.77
CA PRO A 254 -2.93 0.59 -6.05
C PRO A 254 -2.68 0.50 -4.54
N PRO A 255 -2.59 1.66 -3.85
CA PRO A 255 -2.10 1.68 -2.47
C PRO A 255 -2.96 0.81 -1.53
N ALA A 256 -4.22 0.58 -1.91
CA ALA A 256 -5.13 -0.23 -1.11
C ALA A 256 -5.36 -1.62 -1.72
N CYS A 257 -4.48 -2.08 -2.61
CA CYS A 257 -4.70 -3.31 -3.35
C CYS A 257 -4.08 -4.50 -2.61
N PRO A 258 -4.80 -5.63 -2.44
CA PRO A 258 -4.23 -6.85 -1.89
C PRO A 258 -3.03 -7.33 -2.70
N ALA A 259 -1.99 -7.82 -2.01
CA ALA A 259 -0.73 -8.10 -2.66
C ALA A 259 -0.91 -9.15 -3.76
N GLU A 260 -1.73 -10.15 -3.47
CA GLU A 260 -1.95 -11.27 -4.36
C GLU A 260 -2.65 -10.82 -5.65
N VAL A 261 -3.39 -9.71 -5.60
CA VAL A 261 -4.08 -9.21 -6.78
C VAL A 261 -3.06 -8.47 -7.64
N HIS A 262 -2.12 -7.77 -6.99
CA HIS A 262 -1.07 -7.08 -7.72
C HIS A 262 -0.22 -8.09 -8.49
N GLU A 263 0.07 -9.24 -7.90
CA GLU A 263 0.94 -10.20 -8.55
C GLU A 263 0.24 -10.69 -9.82
N LEU A 264 -1.06 -10.96 -9.73
CA LEU A 264 -1.86 -11.37 -10.88
C LEU A 264 -1.76 -10.35 -11.99
N MET A 265 -1.87 -9.06 -11.66
CA MET A 265 -1.72 -8.00 -12.65
C MET A 265 -0.39 -8.07 -13.38
N LYS A 266 0.70 -8.23 -12.64
CA LYS A 266 2.02 -8.23 -13.26
C LYS A 266 2.15 -9.43 -14.18
N LEU A 267 1.59 -10.59 -13.79
CA LEU A 267 1.64 -11.76 -14.65
C LEU A 267 0.96 -11.44 -15.99
N CYS A 268 -0.22 -10.79 -15.89
CA CYS A 268 -1.05 -10.50 -17.03
C CYS A 268 -0.29 -9.58 -17.97
N TRP A 269 0.70 -8.85 -17.43
CA TRP A 269 1.48 -7.93 -18.25
C TRP A 269 2.90 -8.44 -18.53
N ALA A 270 3.07 -9.75 -18.47
CA ALA A 270 4.23 -10.41 -19.07
C ALA A 270 4.53 -9.88 -20.49
N PRO A 271 5.82 -9.62 -20.78
CA PRO A 271 6.25 -9.08 -22.06
C PRO A 271 5.85 -9.96 -23.24
N SER A 272 6.08 -11.26 -23.09
CA SER A 272 5.71 -12.20 -24.15
C SER A 272 4.27 -12.62 -23.90
N PRO A 273 3.41 -12.62 -24.95
CA PRO A 273 2.09 -13.23 -24.89
C PRO A 273 2.01 -14.61 -24.25
N GLN A 274 2.99 -15.47 -24.55
CA GLN A 274 2.90 -16.88 -24.16
C GLN A 274 3.16 -17.05 -22.67
N ASP A 275 3.78 -16.04 -22.04
CA ASP A 275 4.05 -16.14 -20.60
C ASP A 275 2.89 -15.60 -19.78
N ARG A 276 1.95 -14.85 -20.37
CA ARG A 276 0.81 -14.41 -19.59
C ARG A 276 -0.03 -15.64 -19.24
N PRO A 277 -0.69 -15.71 -18.07
CA PRO A 277 -1.54 -16.87 -17.78
C PRO A 277 -2.80 -16.78 -18.63
N SER A 278 -3.45 -17.92 -18.84
CA SER A 278 -4.74 -17.96 -19.50
C SER A 278 -5.81 -17.41 -18.55
N PHE A 279 -6.99 -17.12 -19.09
CA PHE A 279 -8.14 -16.78 -18.26
C PHE A 279 -8.45 -17.95 -17.36
N SER A 280 -8.20 -19.17 -17.85
CA SER A 280 -8.51 -20.37 -17.09
C SER A 280 -7.60 -20.51 -15.87
N ALA A 281 -6.36 -20.03 -16.00
CA ALA A 281 -5.39 -20.09 -14.92
C ALA A 281 -5.60 -18.96 -13.91
N LEU A 282 -6.00 -17.77 -14.39
CA LEU A 282 -6.40 -16.68 -13.50
C LEU A 282 -7.63 -17.07 -12.67
N GLY A 283 -8.65 -17.64 -13.33
CA GLY A 283 -9.96 -17.79 -12.70
C GLY A 283 -9.85 -18.37 -11.30
N PRO A 284 -9.24 -19.57 -11.14
CA PRO A 284 -9.07 -20.17 -9.82
C PRO A 284 -8.41 -19.26 -8.79
N GLN A 285 -7.44 -18.45 -9.21
CA GLN A 285 -6.73 -17.61 -8.26
C GLN A 285 -7.67 -16.56 -7.67
N LEU A 286 -8.39 -15.86 -8.55
CA LEU A 286 -9.36 -14.84 -8.13
C LEU A 286 -10.47 -15.47 -7.28
N ASP A 287 -10.89 -16.69 -7.63
CA ASP A 287 -11.94 -17.38 -6.89
C ASP A 287 -11.41 -17.78 -5.51
N MET A 288 -10.18 -18.30 -5.48
CA MET A 288 -9.46 -18.56 -4.24
C MET A 288 -9.36 -17.26 -3.43
N LEU A 289 -9.02 -16.13 -4.08
CA LEU A 289 -8.88 -14.87 -3.35
C LEU A 289 -10.23 -14.37 -2.81
N TRP A 290 -11.26 -14.43 -3.66
CA TRP A 290 -12.57 -13.96 -3.27
C TRP A 290 -13.13 -14.78 -2.11
N SER A 291 -13.02 -16.12 -2.21
CA SER A 291 -13.40 -17.05 -1.15
C SER A 291 -12.95 -16.58 0.23
N GLY A 292 -11.68 -16.19 0.35
CA GLY A 292 -11.09 -15.77 1.62
C GLY A 292 -11.56 -14.38 2.03
N ILE B 7 -9.56 -1.33 8.28
CA ILE B 7 -9.71 -0.22 7.29
C ILE B 7 -10.59 0.87 7.88
N PHE B 8 -10.04 2.09 7.96
CA PHE B 8 -10.69 3.26 8.52
C PHE B 8 -11.10 4.16 7.37
N GLU B 9 -12.35 4.67 7.37
CA GLU B 9 -12.80 5.58 6.33
C GLU B 9 -12.19 6.96 6.57
N GLU B 10 -11.50 7.48 5.55
CA GLU B 10 -10.82 8.76 5.66
C GLU B 10 -11.81 9.84 6.10
N ARG B 11 -13.05 9.75 5.59
CA ARG B 11 -14.10 10.71 5.89
C ARG B 11 -14.36 10.80 7.39
N HIS B 12 -14.14 9.70 8.11
CA HIS B 12 -14.49 9.59 9.53
C HIS B 12 -13.32 9.84 10.50
N LEU B 13 -12.15 10.23 9.98
CA LEU B 13 -11.01 10.55 10.82
C LEU B 13 -10.95 12.06 10.97
N LYS B 14 -11.26 12.56 12.17
CA LYS B 14 -11.38 13.99 12.40
C LYS B 14 -10.11 14.51 13.06
N TYR B 15 -9.40 15.41 12.36
CA TYR B 15 -8.16 15.99 12.85
C TYR B 15 -8.40 16.84 14.09
N ILE B 16 -7.50 16.68 15.07
CA ILE B 16 -7.53 17.47 16.28
C ILE B 16 -6.23 18.25 16.38
N SER B 17 -5.07 17.56 16.30
CA SER B 17 -3.84 18.23 16.60
C SER B 17 -2.65 17.38 16.16
N GLN B 18 -1.48 18.02 16.08
CA GLN B 18 -0.22 17.37 15.76
C GLN B 18 0.41 16.80 17.03
N LEU B 19 0.88 15.56 16.95
CA LEU B 19 1.58 14.91 18.06
C LEU B 19 3.07 14.92 17.77
N GLY B 20 3.44 14.90 16.49
CA GLY B 20 4.83 14.86 16.13
C GLY B 20 5.00 15.24 14.67
N LYS B 21 6.21 15.69 14.38
CA LYS B 21 6.58 16.11 13.04
C LYS B 21 7.96 15.54 12.72
N GLY B 22 8.13 15.04 11.48
CA GLY B 22 9.43 14.70 10.95
C GLY B 22 9.72 15.48 9.66
N ASN B 23 10.79 15.06 8.97
CA ASN B 23 11.20 15.69 7.72
C ASN B 23 10.10 15.55 6.68
N PHE B 24 9.45 14.36 6.63
CA PHE B 24 8.52 14.05 5.56
C PHE B 24 7.22 13.46 6.08
N GLY B 25 6.97 13.62 7.38
CA GLY B 25 5.81 12.95 7.96
C GLY B 25 5.31 13.67 9.19
N SER B 26 4.11 13.28 9.60
CA SER B 26 3.44 13.85 10.73
C SER B 26 2.59 12.76 11.37
N VAL B 27 2.54 12.80 12.71
CA VAL B 27 1.61 12.00 13.46
C VAL B 27 0.61 12.95 14.11
N GLU B 28 -0.67 12.65 13.94
CA GLU B 28 -1.74 13.60 14.28
C GLU B 28 -2.75 12.88 15.16
N LEU B 29 -3.20 13.58 16.19
CA LEU B 29 -4.32 13.11 16.99
C LEU B 29 -5.61 13.32 16.19
N CYS B 30 -6.37 12.25 16.03
CA CYS B 30 -7.67 12.32 15.39
C CYS B 30 -8.73 11.62 16.23
N ARG B 31 -9.99 11.96 15.95
CA ARG B 31 -11.11 11.18 16.44
C ARG B 31 -11.56 10.24 15.34
N TYR B 32 -11.67 8.95 15.62
CA TYR B 32 -12.32 8.09 14.64
C TYR B 32 -13.80 8.09 15.00
N ASP B 33 -14.63 8.69 14.14
CA ASP B 33 -15.98 9.12 14.50
C ASP B 33 -16.98 8.75 13.41
N PRO B 34 -17.23 7.46 13.11
CA PRO B 34 -18.20 7.08 12.09
C PRO B 34 -19.64 7.58 12.28
N LEU B 35 -20.09 7.70 13.54
CA LEU B 35 -21.45 8.15 13.85
C LEU B 35 -21.59 9.65 13.62
N GLY B 36 -20.45 10.35 13.50
CA GLY B 36 -20.44 11.76 13.15
C GLY B 36 -20.83 12.68 14.29
N ASP B 37 -20.92 12.16 15.53
CA ASP B 37 -21.50 12.92 16.66
C ASP B 37 -20.41 13.32 17.66
N ASN B 38 -19.13 13.15 17.27
CA ASN B 38 -18.00 13.51 18.11
C ASN B 38 -17.94 12.64 19.37
N THR B 39 -18.41 11.40 19.30
CA THR B 39 -18.32 10.46 20.44
C THR B 39 -17.24 9.41 20.19
N GLY B 40 -16.66 9.38 18.98
CA GLY B 40 -15.67 8.37 18.62
C GLY B 40 -14.41 8.45 19.48
N ALA B 41 -13.70 7.32 19.50
CA ALA B 41 -12.40 7.15 20.14
C ALA B 41 -11.31 7.94 19.43
N LEU B 42 -10.31 8.34 20.22
CA LEU B 42 -9.16 9.05 19.70
C LEU B 42 -8.15 8.03 19.23
N VAL B 43 -7.45 8.40 18.15
CA VAL B 43 -6.44 7.56 17.52
C VAL B 43 -5.31 8.46 17.09
N ALA B 44 -4.11 7.88 17.02
CA ALA B 44 -2.96 8.56 16.47
C ALA B 44 -2.81 8.18 15.00
N VAL B 45 -2.55 9.16 14.12
CA VAL B 45 -2.63 8.88 12.69
C VAL B 45 -1.38 9.45 12.02
N LYS B 46 -0.65 8.61 11.29
CA LYS B 46 0.52 9.09 10.56
C LYS B 46 0.19 9.27 9.08
N GLN B 47 0.68 10.40 8.51
CA GLN B 47 0.57 10.72 7.10
C GLN B 47 1.86 11.38 6.61
N LEU B 48 2.09 11.36 5.29
CA LEU B 48 3.31 11.95 4.74
C LEU B 48 3.05 13.35 4.19
N GLN B 49 4.13 14.14 4.05
CA GLN B 49 4.05 15.43 3.38
C GLN B 49 5.41 15.80 2.79
N HIS B 50 5.37 16.52 1.65
CA HIS B 50 6.54 16.71 0.79
C HIS B 50 7.32 15.40 0.67
N SER B 51 6.58 14.33 0.32
CA SER B 51 7.12 13.01 0.09
C SER B 51 7.18 12.75 -1.41
N GLY B 52 8.30 12.16 -1.84
CA GLY B 52 8.41 11.55 -3.15
C GLY B 52 8.42 10.03 -3.02
N PRO B 53 8.81 9.32 -4.08
CA PRO B 53 8.65 7.86 -4.17
C PRO B 53 9.32 7.09 -3.04
N ASP B 54 10.47 7.57 -2.57
CA ASP B 54 11.23 6.80 -1.59
C ASP B 54 10.50 6.86 -0.25
N GLN B 55 10.01 8.05 0.12
CA GLN B 55 9.31 8.20 1.39
C GLN B 55 8.01 7.41 1.41
N GLN B 56 7.31 7.37 0.26
CA GLN B 56 6.07 6.60 0.15
C GLN B 56 6.39 5.11 0.29
N ARG B 57 7.49 4.68 -0.34
CA ARG B 57 7.92 3.30 -0.25
C ARG B 57 8.30 2.90 1.18
N ASP B 58 9.05 3.77 1.85
CA ASP B 58 9.43 3.58 3.25
C ASP B 58 8.22 3.56 4.16
N PHE B 59 7.17 4.33 3.83
CA PHE B 59 5.96 4.33 4.65
C PHE B 59 5.22 3.01 4.51
N GLN B 60 5.18 2.48 3.29
CA GLN B 60 4.48 1.23 3.05
C GLN B 60 5.15 0.13 3.89
N ARG B 61 6.47 0.20 4.01
CA ARG B 61 7.23 -0.75 4.87
C ARG B 61 6.82 -0.57 6.33
N GLU B 62 6.85 0.68 6.81
CA GLU B 62 6.53 0.94 8.20
C GLU B 62 5.17 0.34 8.58
N ILE B 63 4.17 0.46 7.68
CA ILE B 63 2.84 -0.06 7.94
C ILE B 63 2.87 -1.59 8.05
N GLN B 64 3.55 -2.25 7.11
CA GLN B 64 3.65 -3.70 7.09
C GLN B 64 4.36 -4.23 8.33
N ILE B 65 5.46 -3.58 8.72
CA ILE B 65 6.18 -4.01 9.92
C ILE B 65 5.30 -3.87 11.15
N LEU B 66 4.70 -2.69 11.36
CA LEU B 66 4.02 -2.44 12.60
C LEU B 66 2.78 -3.33 12.71
N LYS B 67 2.15 -3.62 11.57
CA LYS B 67 0.94 -4.40 11.54
C LYS B 67 1.22 -5.83 11.98
N ALA B 68 2.42 -6.29 11.67
CA ALA B 68 2.82 -7.65 12.00
C ALA B 68 3.25 -7.81 13.48
N LEU B 69 3.50 -6.71 14.20
CA LEU B 69 4.05 -6.78 15.55
C LEU B 69 2.95 -6.84 16.60
N HIS B 70 3.07 -7.80 17.52
CA HIS B 70 2.13 -7.96 18.62
C HIS B 70 2.87 -8.10 19.94
N SER B 71 3.14 -6.96 20.59
CA SER B 71 3.93 -6.90 21.81
C SER B 71 3.30 -5.89 22.74
N ASP B 72 3.29 -6.21 24.04
CA ASP B 72 2.91 -5.26 25.06
C ASP B 72 3.85 -4.06 25.05
N PHE B 73 5.05 -4.21 24.46
CA PHE B 73 6.06 -3.15 24.54
C PHE B 73 6.27 -2.45 23.20
N ILE B 74 5.29 -2.58 22.28
CA ILE B 74 5.37 -1.93 20.99
C ILE B 74 4.01 -1.31 20.70
N VAL B 75 4.04 -0.05 20.26
CA VAL B 75 2.80 0.67 20.03
C VAL B 75 1.93 -0.12 19.06
N LYS B 76 0.63 -0.12 19.34
CA LYS B 76 -0.33 -1.00 18.70
C LYS B 76 -0.83 -0.40 17.38
N TYR B 77 -0.64 -1.14 16.29
CA TYR B 77 -1.27 -0.86 15.02
C TYR B 77 -2.78 -1.10 15.10
N ARG B 78 -3.54 -0.21 14.46
CA ARG B 78 -4.99 -0.35 14.42
C ARG B 78 -5.49 -0.59 12.99
N GLY B 79 -4.89 0.10 12.02
CA GLY B 79 -5.26 -0.12 10.65
C GLY B 79 -4.75 1.01 9.75
N VAL B 80 -5.39 1.12 8.59
CA VAL B 80 -5.00 2.09 7.59
C VAL B 80 -6.25 2.78 7.07
N SER B 81 -6.03 3.95 6.48
CA SER B 81 -7.04 4.64 5.72
C SER B 81 -6.49 5.01 4.34
N TYR B 82 -7.34 5.13 3.32
CA TYR B 82 -6.85 5.33 1.96
C TYR B 82 -7.66 6.45 1.29
N SER B 88 -4.15 9.30 -0.46
CA SER B 88 -2.89 9.12 0.32
C SER B 88 -3.13 8.14 1.47
N LEU B 89 -2.11 7.31 1.74
CA LEU B 89 -2.09 6.38 2.86
C LEU B 89 -2.07 7.11 4.19
N ARG B 90 -2.80 6.55 5.15
CA ARG B 90 -2.61 6.92 6.55
C ARG B 90 -2.46 5.65 7.36
N LEU B 91 -1.60 5.74 8.40
CA LEU B 91 -1.41 4.69 9.39
C LEU B 91 -2.11 5.06 10.70
N VAL B 92 -3.01 4.18 11.17
CA VAL B 92 -3.84 4.43 12.33
C VAL B 92 -3.32 3.53 13.45
N MET B 93 -3.05 4.18 14.60
CA MET B 93 -2.45 3.53 15.75
C MET B 93 -3.25 3.89 17.01
N GLU B 94 -2.99 3.15 18.11
CA GLU B 94 -3.47 3.59 19.42
C GLU B 94 -2.89 4.97 19.75
N TYR B 95 -3.67 5.73 20.53
CA TYR B 95 -3.22 7.03 21.05
C TYR B 95 -2.83 6.84 22.51
N LEU B 96 -1.62 7.30 22.86
CA LEU B 96 -1.13 7.21 24.24
C LEU B 96 -1.00 8.61 24.80
N PRO B 97 -2.05 9.09 25.51
CA PRO B 97 -2.13 10.51 25.93
C PRO B 97 -1.06 10.97 26.90
N SER B 98 -0.45 10.04 27.62
CA SER B 98 0.59 10.39 28.56
C SER B 98 1.86 10.89 27.85
N GLY B 99 2.01 10.61 26.55
CA GLY B 99 3.06 11.19 25.72
C GLY B 99 4.39 10.43 25.82
N CYS B 100 5.48 11.08 25.38
CA CYS B 100 6.78 10.41 25.27
C CYS B 100 7.50 10.35 26.61
N LEU B 101 8.32 9.29 26.77
CA LEU B 101 9.10 9.05 27.97
C LEU B 101 10.07 10.19 28.26
N ARG B 102 10.65 10.82 27.23
CA ARG B 102 11.59 11.89 27.52
C ARG B 102 10.91 12.98 28.35
N ASP B 103 9.74 13.44 27.90
CA ASP B 103 8.99 14.48 28.60
C ASP B 103 8.50 14.04 29.97
N PHE B 104 7.99 12.82 30.06
CA PHE B 104 7.47 12.27 31.30
C PHE B 104 8.55 12.17 32.38
N LEU B 105 9.76 11.71 32.01
CA LEU B 105 10.88 11.63 32.95
C LEU B 105 11.27 13.00 33.48
N GLN B 106 11.29 14.01 32.61
CA GLN B 106 11.68 15.34 33.06
C GLN B 106 10.72 15.90 34.12
N ARG B 107 9.43 15.74 33.85
CA ARG B 107 8.38 16.32 34.65
C ARG B 107 8.27 15.59 36.00
N HIS B 108 8.34 14.26 35.97
CA HIS B 108 7.98 13.49 37.16
C HIS B 108 9.18 12.86 37.86
N ARG B 109 10.40 13.34 37.60
CA ARG B 109 11.61 12.73 38.14
C ARG B 109 11.49 12.49 39.66
N ALA B 110 10.91 13.48 40.34
CA ALA B 110 10.88 13.47 41.81
C ALA B 110 10.19 12.21 42.35
N ARG B 111 9.29 11.58 41.58
CA ARG B 111 8.58 10.43 42.09
C ARG B 111 8.84 9.16 41.28
N LEU B 112 9.90 9.16 40.48
CA LEU B 112 10.29 7.99 39.72
C LEU B 112 11.65 7.56 40.24
N ASP B 113 11.65 6.44 40.97
CA ASP B 113 12.87 5.97 41.60
C ASP B 113 13.55 5.02 40.63
N ALA B 114 14.70 4.52 41.08
CA ALA B 114 15.58 3.71 40.25
C ALA B 114 14.87 2.41 39.87
N SER B 115 14.10 1.88 40.81
CA SER B 115 13.22 0.73 40.56
C SER B 115 12.31 0.96 39.35
N ARG B 116 11.62 2.08 39.29
CA ARG B 116 10.73 2.36 38.13
C ARG B 116 11.55 2.48 36.84
N LEU B 117 12.70 3.14 36.91
CA LEU B 117 13.57 3.32 35.74
C LEU B 117 14.05 1.96 35.24
N LEU B 118 14.40 1.04 36.15
CA LEU B 118 14.75 -0.32 35.78
C LEU B 118 13.58 -1.03 35.11
N LEU B 119 12.36 -0.86 35.62
CA LEU B 119 11.17 -1.42 34.99
C LEU B 119 11.03 -0.96 33.54
N TYR B 120 11.10 0.35 33.32
CA TYR B 120 11.05 0.86 31.95
C TYR B 120 12.16 0.26 31.10
N SER B 121 13.39 0.20 31.60
CA SER B 121 14.54 -0.35 30.89
C SER B 121 14.26 -1.79 30.43
N SER B 122 13.73 -2.58 31.36
CA SER B 122 13.37 -3.96 31.11
C SER B 122 12.32 -4.08 30.01
N GLN B 123 11.27 -3.23 30.07
CA GLN B 123 10.21 -3.25 29.08
C GLN B 123 10.74 -2.89 27.70
N ILE B 124 11.58 -1.87 27.62
CA ILE B 124 12.15 -1.49 26.34
C ILE B 124 13.03 -2.63 25.77
N CYS B 125 13.87 -3.18 26.64
CA CYS B 125 14.70 -4.34 26.28
C CYS B 125 13.83 -5.46 25.70
N LYS B 126 12.75 -5.83 26.41
CA LYS B 126 11.82 -6.86 25.94
C LYS B 126 11.18 -6.55 24.58
N GLY B 127 10.84 -5.28 24.34
CA GLY B 127 10.34 -4.93 23.02
C GLY B 127 11.41 -5.10 21.94
N MET B 128 12.65 -4.77 22.26
CA MET B 128 13.76 -4.88 21.31
C MET B 128 14.12 -6.36 21.10
N GLU B 129 13.90 -7.21 22.10
CA GLU B 129 14.11 -8.65 21.91
C GLU B 129 13.10 -9.21 20.91
N TYR B 130 11.83 -8.81 21.07
CA TYR B 130 10.77 -9.12 20.14
C TYR B 130 11.14 -8.70 18.72
N LEU B 131 11.59 -7.44 18.54
CA LEU B 131 12.02 -7.00 17.23
C LEU B 131 13.15 -7.87 16.68
N GLY B 132 14.17 -8.14 17.48
CA GLY B 132 15.31 -8.95 17.06
C GLY B 132 14.90 -10.32 16.51
N SER B 133 13.91 -10.95 17.17
CA SER B 133 13.47 -12.26 16.74
C SER B 133 12.74 -12.21 15.39
N ARG B 134 12.28 -11.03 14.97
CA ARG B 134 11.68 -10.84 13.66
C ARG B 134 12.62 -10.14 12.69
N ARG B 135 13.91 -10.10 13.06
CA ARG B 135 14.95 -9.53 12.15
C ARG B 135 14.66 -8.05 11.87
N CYS B 136 14.07 -7.35 12.84
CA CYS B 136 13.71 -5.97 12.61
C CYS B 136 14.76 -5.10 13.30
N VAL B 137 15.36 -4.16 12.55
CA VAL B 137 16.20 -3.11 13.09
C VAL B 137 15.36 -1.84 13.23
N HIS B 138 15.36 -1.24 14.43
CA HIS B 138 14.47 -0.11 14.72
C HIS B 138 15.11 1.21 14.27
N ARG B 139 16.39 1.37 14.65
CA ARG B 139 17.28 2.45 14.24
C ARG B 139 17.02 3.74 15.02
N ALA B 140 15.76 4.10 15.25
CA ALA B 140 15.42 5.42 15.79
C ALA B 140 15.31 5.45 17.32
N LEU B 141 15.49 4.30 17.99
CA LEU B 141 15.30 4.17 19.42
C LEU B 141 15.92 5.32 20.22
N ALA B 142 15.05 5.97 21.01
CA ALA B 142 15.43 7.10 21.83
C ALA B 142 14.25 7.43 22.74
N ALA B 143 14.50 8.05 23.90
CA ALA B 143 13.41 8.28 24.85
C ALA B 143 12.28 9.12 24.23
N ARG B 144 12.60 9.94 23.21
CA ARG B 144 11.60 10.78 22.57
C ARG B 144 10.61 9.97 21.73
N ASN B 145 10.91 8.70 21.43
CA ASN B 145 9.98 7.93 20.65
C ASN B 145 9.59 6.67 21.40
N ILE B 146 9.74 6.68 22.70
CA ILE B 146 9.13 5.68 23.58
C ILE B 146 7.94 6.38 24.25
N LEU B 147 6.80 5.67 24.29
CA LEU B 147 5.57 6.24 24.81
C LEU B 147 5.21 5.62 26.16
N VAL B 148 4.54 6.44 26.99
CA VAL B 148 4.06 6.03 28.29
C VAL B 148 2.62 5.60 28.16
N GLU B 149 2.34 4.32 28.42
CA GLU B 149 0.98 3.84 28.41
C GLU B 149 0.36 4.02 29.79
N SER B 150 1.15 3.81 30.84
CA SER B 150 0.76 4.07 32.23
C SER B 150 2.04 4.32 33.00
N GLU B 151 1.96 4.69 34.29
CA GLU B 151 3.15 4.99 35.08
C GLU B 151 4.11 3.79 35.10
N ALA B 152 3.59 2.57 34.89
CA ALA B 152 4.41 1.39 34.98
C ALA B 152 4.45 0.63 33.66
N HIS B 153 4.33 1.33 32.52
CA HIS B 153 4.26 0.63 31.25
C HIS B 153 4.59 1.56 30.08
N VAL B 154 5.66 1.21 29.36
CA VAL B 154 6.09 1.95 28.19
C VAL B 154 6.07 1.05 26.96
N LYS B 155 6.09 1.71 25.80
CA LYS B 155 5.96 1.07 24.51
C LYS B 155 6.83 1.79 23.49
N ILE B 156 7.48 1.02 22.61
CA ILE B 156 8.32 1.56 21.55
C ILE B 156 7.46 2.09 20.42
N ALA B 157 7.76 3.32 19.95
CA ALA B 157 7.11 3.87 18.77
C ALA B 157 8.15 4.35 17.74
N ASP B 158 7.71 5.16 16.77
CA ASP B 158 8.44 5.66 15.62
C ASP B 158 9.18 4.56 14.86
N PHE B 159 8.40 3.81 14.07
CA PHE B 159 8.95 2.81 13.16
C PHE B 159 9.22 3.40 11.78
N GLY B 160 9.41 4.73 11.69
CA GLY B 160 9.65 5.40 10.42
C GLY B 160 10.93 4.97 9.70
N LEU B 161 11.90 4.43 10.46
CA LEU B 161 13.20 4.07 9.90
C LEU B 161 13.44 2.57 10.02
N ALA B 162 12.44 1.84 10.56
CA ALA B 162 12.62 0.43 10.81
C ALA B 162 12.75 -0.36 9.51
N LYS B 163 13.48 -1.49 9.55
CA LYS B 163 13.79 -2.23 8.33
C LYS B 163 14.08 -3.67 8.72
N LEU B 164 13.60 -4.60 7.90
CA LEU B 164 13.86 -6.02 8.15
C LEU B 164 15.17 -6.42 7.49
N LEU B 165 15.97 -7.20 8.22
CA LEU B 165 17.18 -7.79 7.66
C LEU B 165 16.80 -8.89 6.65
N PRO B 166 17.51 -9.01 5.51
CA PRO B 166 17.43 -10.19 4.67
C PRO B 166 17.60 -11.44 5.52
N LEU B 167 17.07 -12.57 5.06
CA LEU B 167 17.22 -13.80 5.82
C LEU B 167 18.70 -14.18 5.96
N ASP B 168 19.55 -13.77 5.01
CA ASP B 168 20.88 -14.31 4.87
C ASP B 168 21.96 -13.29 5.24
N LYS B 169 21.60 -12.18 5.91
CA LYS B 169 22.55 -11.12 6.18
C LYS B 169 22.13 -10.41 7.46
N ASP B 170 23.10 -10.04 8.31
CA ASP B 170 22.77 -9.57 9.66
C ASP B 170 22.89 -8.04 9.77
N TYR B 171 23.03 -7.33 8.66
CA TYR B 171 23.07 -5.89 8.69
C TYR B 171 22.48 -5.38 7.38
N TYR B 172 22.33 -4.06 7.27
CA TYR B 172 22.08 -3.45 5.98
C TYR B 172 22.84 -2.13 5.95
N VAL B 173 22.95 -1.57 4.74
CA VAL B 173 23.64 -0.31 4.49
C VAL B 173 22.64 0.64 3.81
N VAL B 174 22.68 1.90 4.22
CA VAL B 174 21.87 2.94 3.58
C VAL B 174 22.75 3.81 2.68
N ARG B 175 22.12 4.50 1.72
CA ARG B 175 22.86 5.39 0.85
C ARG B 175 23.33 6.59 1.66
N GLU B 176 22.46 7.04 2.57
CA GLU B 176 22.67 8.26 3.34
C GLU B 176 21.86 8.15 4.63
N PRO B 177 22.37 8.71 5.76
CA PRO B 177 21.64 8.74 7.03
C PRO B 177 20.17 9.10 6.90
N PRO B 181 19.95 12.43 14.09
CA PRO B 181 20.19 12.47 15.53
C PRO B 181 21.44 11.70 15.95
N ILE B 182 22.58 12.37 15.75
CA ILE B 182 23.85 11.68 15.69
C ILE B 182 24.21 11.07 17.05
N PHE B 183 23.69 11.57 18.17
CA PHE B 183 24.23 11.21 19.46
C PHE B 183 23.65 9.88 19.92
N TRP B 184 22.75 9.26 19.13
CA TRP B 184 22.22 7.93 19.47
C TRP B 184 22.81 6.80 18.60
N TYR B 185 23.59 7.16 17.58
CA TYR B 185 24.03 6.20 16.58
C TYR B 185 25.35 5.53 16.96
N ALA B 186 25.45 4.24 16.63
CA ALA B 186 26.66 3.48 16.73
C ALA B 186 27.71 4.04 15.75
N PRO B 187 29.00 3.96 16.10
CA PRO B 187 30.09 4.44 15.25
C PRO B 187 30.02 3.90 13.82
N GLU B 188 29.72 2.60 13.67
CA GLU B 188 29.69 2.04 12.33
C GLU B 188 28.53 2.60 11.50
N SER B 189 27.47 3.08 12.17
CA SER B 189 26.37 3.74 11.48
C SER B 189 26.82 5.12 11.04
N LEU B 190 27.51 5.84 11.91
CA LEU B 190 27.96 7.22 11.64
C LEU B 190 28.98 7.21 10.51
N SER B 191 29.86 6.22 10.52
CA SER B 191 31.02 6.21 9.63
C SER B 191 30.69 5.57 8.27
N ASP B 192 30.04 4.40 8.31
CA ASP B 192 29.89 3.53 7.16
C ASP B 192 28.42 3.28 6.79
N ASN B 193 27.44 3.86 7.50
CA ASN B 193 26.02 3.76 7.22
C ASN B 193 25.54 2.31 7.38
N ILE B 194 26.19 1.57 8.28
CA ILE B 194 25.85 0.20 8.61
C ILE B 194 24.86 0.19 9.78
N PHE B 195 23.75 -0.56 9.65
CA PHE B 195 22.80 -0.67 10.73
C PHE B 195 22.52 -2.16 10.95
N SER B 196 22.25 -2.51 12.20
CA SER B 196 22.05 -3.89 12.58
C SER B 196 21.31 -3.94 13.90
N ARG B 197 21.04 -5.15 14.36
CA ARG B 197 20.48 -5.28 15.73
C ARG B 197 21.55 -4.85 16.76
N GLN B 198 22.84 -4.97 16.41
CA GLN B 198 23.88 -4.55 17.34
C GLN B 198 24.07 -3.03 17.39
N SER B 199 23.75 -2.33 16.30
CA SER B 199 23.70 -0.87 16.34
C SER B 199 22.53 -0.40 17.21
N ASP B 200 21.41 -1.13 17.17
CA ASP B 200 20.29 -0.84 18.06
C ASP B 200 20.72 -0.98 19.52
N VAL B 201 21.59 -1.97 19.83
CA VAL B 201 22.08 -2.14 21.19
C VAL B 201 22.88 -0.90 21.65
N TRP B 202 23.72 -0.33 20.78
CA TRP B 202 24.37 0.94 21.08
C TRP B 202 23.34 2.01 21.46
N SER B 203 22.30 2.20 20.61
CA SER B 203 21.29 3.21 20.88
C SER B 203 20.58 2.95 22.20
N PHE B 204 20.30 1.66 22.51
CA PHE B 204 19.68 1.32 23.76
C PHE B 204 20.53 1.77 24.96
N GLY B 205 21.85 1.67 24.81
CA GLY B 205 22.76 2.21 25.82
C GLY B 205 22.51 3.69 26.07
N VAL B 206 22.35 4.45 24.98
CA VAL B 206 22.05 5.87 25.15
C VAL B 206 20.67 6.07 25.79
N VAL B 207 19.70 5.20 25.48
CA VAL B 207 18.41 5.21 26.16
C VAL B 207 18.60 5.00 27.66
N LEU B 208 19.49 4.08 28.07
CA LEU B 208 19.71 3.89 29.49
C LEU B 208 20.23 5.17 30.13
N TYR B 209 21.16 5.80 29.41
CA TYR B 209 21.68 7.08 29.86
C TYR B 209 20.54 8.10 30.03
N GLU B 210 19.66 8.21 29.04
CA GLU B 210 18.52 9.11 29.12
C GLU B 210 17.64 8.77 30.32
N LEU B 211 17.27 7.49 30.48
CA LEU B 211 16.46 7.10 31.62
C LEU B 211 17.10 7.56 32.93
N PHE B 212 18.39 7.21 33.14
CA PHE B 212 18.96 7.38 34.47
C PHE B 212 19.46 8.81 34.71
N THR B 213 19.34 9.69 33.72
CA THR B 213 19.54 11.10 33.93
C THR B 213 18.19 11.82 33.95
N TYR B 214 17.09 11.08 33.88
CA TYR B 214 15.75 11.66 33.75
C TYR B 214 15.67 12.67 32.60
N CYS B 215 16.42 12.44 31.52
CA CYS B 215 16.44 13.33 30.36
C CYS B 215 16.67 14.78 30.75
N ASP B 216 17.44 15.01 31.81
CA ASP B 216 17.85 16.35 32.19
C ASP B 216 18.61 17.03 31.06
N LYS B 217 18.12 18.21 30.67
CA LYS B 217 18.69 18.94 29.55
C LYS B 217 20.14 19.33 29.79
N SER B 218 20.54 19.51 31.06
CA SER B 218 21.87 19.94 31.43
C SER B 218 22.92 18.86 31.14
N CYS B 219 22.56 17.58 31.17
CA CYS B 219 23.52 16.53 30.82
C CYS B 219 23.01 15.61 29.72
N SER B 220 22.17 16.14 28.82
CA SER B 220 21.75 15.45 27.61
C SER B 220 22.97 15.05 26.78
N PRO B 221 22.84 14.05 25.90
CA PRO B 221 23.94 13.70 25.00
C PRO B 221 24.54 14.90 24.27
N SER B 222 23.69 15.78 23.76
CA SER B 222 24.17 16.99 23.05
C SER B 222 24.95 17.87 24.03
N ALA B 223 24.39 18.15 25.21
CA ALA B 223 25.08 19.00 26.17
C ALA B 223 26.42 18.38 26.55
N GLU B 224 26.47 17.04 26.73
CA GLU B 224 27.71 16.40 27.12
C GLU B 224 28.75 16.54 26.03
N PHE B 225 28.27 16.44 24.78
CA PHE B 225 29.12 16.63 23.64
C PHE B 225 29.72 18.04 23.66
N LEU B 226 28.89 19.05 23.94
CA LEU B 226 29.35 20.43 23.87
C LEU B 226 30.36 20.71 24.97
N ARG B 227 30.20 20.01 26.11
CA ARG B 227 31.12 20.17 27.22
C ARG B 227 32.48 19.57 26.87
N MET B 228 32.46 18.43 26.18
CA MET B 228 33.69 17.73 25.86
C MET B 228 34.53 18.47 24.83
N MET B 229 34.01 19.56 24.25
CA MET B 229 34.86 20.44 23.47
C MET B 229 34.66 21.88 23.94
N ARG B 233 34.76 25.02 19.21
CA ARG B 233 34.39 26.17 18.32
C ARG B 233 34.60 25.89 16.81
N ASP B 234 33.53 25.84 16.02
CA ASP B 234 33.61 25.71 14.52
C ASP B 234 34.09 24.32 14.06
N VAL B 235 34.02 23.34 14.94
CA VAL B 235 34.36 21.95 14.51
C VAL B 235 33.05 21.23 14.24
N PRO B 236 32.87 20.63 13.05
CA PRO B 236 31.65 19.89 12.74
C PRO B 236 31.43 18.80 13.80
N ALA B 237 30.20 18.70 14.28
CA ALA B 237 29.86 17.80 15.36
C ALA B 237 30.11 16.36 14.96
N LEU B 238 29.63 15.94 13.79
CA LEU B 238 29.75 14.53 13.41
C LEU B 238 31.21 14.07 13.37
N SER B 239 32.06 14.91 12.79
CA SER B 239 33.50 14.69 12.71
C SER B 239 34.11 14.44 14.08
N ARG B 240 33.84 15.40 14.98
CA ARG B 240 34.44 15.41 16.30
C ARG B 240 33.88 14.27 17.14
N LEU B 241 32.57 13.99 17.02
CA LEU B 241 32.00 12.87 17.77
C LEU B 241 32.68 11.56 17.39
N LEU B 242 32.88 11.30 16.10
CA LEU B 242 33.53 10.06 15.69
C LEU B 242 34.95 9.99 16.27
N GLU B 243 35.65 11.12 16.36
CA GLU B 243 37.01 11.12 16.93
C GLU B 243 36.97 10.82 18.43
N LEU B 244 36.06 11.44 19.16
CA LEU B 244 35.91 11.21 20.59
C LEU B 244 35.54 9.75 20.81
N LEU B 245 34.59 9.21 20.04
CA LEU B 245 34.22 7.81 20.22
C LEU B 245 35.40 6.89 19.92
N GLU B 246 36.16 7.17 18.86
CA GLU B 246 37.31 6.36 18.50
C GLU B 246 38.34 6.37 19.63
N GLU B 247 38.54 7.54 20.25
CA GLU B 247 39.49 7.71 21.34
C GLU B 247 39.05 6.98 22.60
N GLY B 248 37.80 6.54 22.66
CA GLY B 248 37.27 5.71 23.73
C GLY B 248 36.42 6.50 24.73
N GLN B 249 36.22 7.79 24.45
CA GLN B 249 35.37 8.63 25.27
C GLN B 249 33.91 8.21 25.14
N ARG B 250 33.18 8.34 26.26
CA ARG B 250 31.78 7.96 26.32
C ARG B 250 31.08 8.93 27.25
N LEU B 251 29.76 8.91 27.16
CA LEU B 251 28.90 9.60 28.11
C LEU B 251 29.32 9.23 29.53
N PRO B 252 29.27 10.20 30.46
CA PRO B 252 29.71 9.96 31.84
C PRO B 252 28.74 9.08 32.62
N ALA B 253 29.25 8.48 33.69
CA ALA B 253 28.43 7.82 34.69
C ALA B 253 27.55 8.86 35.39
N PRO B 254 26.21 8.88 35.21
CA PRO B 254 25.38 9.86 35.90
C PRO B 254 25.60 9.70 37.40
N PRO B 255 26.09 10.73 38.12
CA PRO B 255 26.46 10.59 39.53
C PRO B 255 25.41 9.91 40.40
N ALA B 256 24.15 9.89 39.96
CA ALA B 256 23.08 9.27 40.72
C ALA B 256 22.67 7.89 40.19
N CYS B 257 23.31 7.40 39.11
CA CYS B 257 22.90 6.16 38.46
C CYS B 257 23.60 5.00 39.15
N PRO B 258 22.94 3.84 39.36
CA PRO B 258 23.58 2.68 39.97
C PRO B 258 24.71 2.12 39.11
N ALA B 259 25.81 1.72 39.75
CA ALA B 259 27.02 1.37 39.01
C ALA B 259 26.78 0.21 38.02
N GLU B 260 25.93 -0.76 38.38
CA GLU B 260 25.61 -1.89 37.53
C GLU B 260 24.96 -1.46 36.21
N VAL B 261 24.16 -0.38 36.26
CA VAL B 261 23.47 0.08 35.06
C VAL B 261 24.48 0.81 34.18
N HIS B 262 25.37 1.60 34.81
CA HIS B 262 26.46 2.21 34.07
C HIS B 262 27.28 1.11 33.40
N GLU B 263 27.44 -0.04 34.06
CA GLU B 263 28.24 -1.11 33.50
C GLU B 263 27.63 -1.62 32.19
N LEU B 264 26.31 -1.86 32.22
CA LEU B 264 25.56 -2.26 31.04
C LEU B 264 25.68 -1.22 29.93
N MET B 265 25.58 0.08 30.25
CA MET B 265 25.78 1.11 29.24
C MET B 265 27.12 0.94 28.53
N LYS B 266 28.21 0.78 29.29
CA LYS B 266 29.54 0.63 28.69
C LYS B 266 29.61 -0.58 27.76
N LEU B 267 28.93 -1.68 28.12
CA LEU B 267 28.96 -2.89 27.32
C LEU B 267 28.25 -2.64 25.98
N CYS B 268 27.16 -1.84 26.04
CA CYS B 268 26.35 -1.53 24.89
C CYS B 268 27.17 -0.66 23.93
N TRP B 269 28.10 0.11 24.48
CA TRP B 269 28.93 0.97 23.66
C TRP B 269 30.32 0.37 23.37
N ALA B 270 30.42 -0.96 23.40
CA ALA B 270 31.64 -1.60 22.89
C ALA B 270 31.88 -1.12 21.45
N PRO B 271 33.14 -0.78 21.11
CA PRO B 271 33.52 -0.38 19.76
C PRO B 271 33.12 -1.38 18.69
N SER B 272 33.40 -2.67 18.89
CA SER B 272 33.06 -3.66 17.89
C SER B 272 31.63 -4.16 18.13
N PRO B 273 30.79 -4.19 17.07
CA PRO B 273 29.40 -4.63 17.20
C PRO B 273 29.28 -6.03 17.81
N GLN B 274 30.23 -6.91 17.50
CA GLN B 274 30.16 -8.29 17.94
C GLN B 274 30.52 -8.41 19.43
N ASP B 275 31.08 -7.36 20.02
CA ASP B 275 31.40 -7.37 21.44
C ASP B 275 30.24 -6.88 22.29
N ARG B 276 29.24 -6.28 21.67
CA ARG B 276 28.14 -5.73 22.44
C ARG B 276 27.24 -6.90 22.79
N PRO B 277 26.57 -6.86 23.95
CA PRO B 277 25.65 -7.93 24.32
C PRO B 277 24.40 -7.81 23.44
N SER B 278 23.70 -8.93 23.26
CA SER B 278 22.41 -8.90 22.59
C SER B 278 21.34 -8.43 23.57
N PHE B 279 20.15 -8.12 23.05
CA PHE B 279 19.06 -7.75 23.94
C PHE B 279 18.69 -8.96 24.79
N SER B 280 18.89 -10.17 24.23
CA SER B 280 18.57 -11.38 24.96
C SER B 280 19.51 -11.58 26.14
N ALA B 281 20.73 -11.06 26.06
CA ALA B 281 21.67 -11.12 27.17
C ALA B 281 21.42 -10.01 28.19
N LEU B 282 21.08 -8.81 27.70
CA LEU B 282 20.77 -7.68 28.55
C LEU B 282 19.54 -7.94 29.40
N GLY B 283 18.50 -8.52 28.77
CA GLY B 283 17.18 -8.62 29.39
C GLY B 283 17.25 -9.27 30.77
N PRO B 284 17.80 -10.50 30.90
CA PRO B 284 17.93 -11.12 32.22
C PRO B 284 18.68 -10.29 33.26
N GLN B 285 19.63 -9.46 32.84
CA GLN B 285 20.39 -8.67 33.79
C GLN B 285 19.55 -7.52 34.33
N LEU B 286 18.86 -6.81 33.43
CA LEU B 286 17.95 -5.76 33.83
C LEU B 286 16.83 -6.32 34.70
N ASP B 287 16.37 -7.52 34.34
CA ASP B 287 15.31 -8.23 35.06
C ASP B 287 15.81 -8.61 36.45
N MET B 288 17.06 -9.07 36.53
CA MET B 288 17.70 -9.35 37.81
C MET B 288 17.68 -8.08 38.65
N LEU B 289 18.10 -6.95 38.06
CA LEU B 289 18.24 -5.72 38.81
C LEU B 289 16.86 -5.21 39.22
N TRP B 290 15.89 -5.23 38.30
CA TRP B 290 14.56 -4.71 38.62
C TRP B 290 13.93 -5.56 39.72
N SER B 291 13.99 -6.89 39.57
CA SER B 291 13.55 -7.84 40.59
C SER B 291 14.10 -7.47 41.96
N GLY B 292 15.40 -7.16 42.01
CA GLY B 292 16.07 -6.73 43.23
C GLY B 292 15.77 -5.28 43.58
#